data_5KAR
#
_entry.id   5KAR
#
_cell.length_a   50.892
_cell.length_b   47.031
_cell.length_c   93.861
_cell.angle_alpha   90.00
_cell.angle_beta   98.07
_cell.angle_gamma   90.00
#
_symmetry.space_group_name_H-M   'P 1 2 1'
#
loop_
_entity.id
_entity.type
_entity.pdbx_description
1 polymer 'Acid sphingomyelinase-like phosphodiesterase 3b'
2 branched 2-acetamido-2-deoxy-beta-D-glucopyranose-(1-4)-2-acetamido-2-deoxy-beta-D-glucopyranose
3 branched alpha-D-mannopyranose-(1-3)-[alpha-D-mannopyranose-(1-6)]beta-D-mannopyranose-(1-4)-2-acetamido-2-deoxy-beta-D-glucopyranose-(1-4)-2-acetamido-2-deoxy-beta-D-glucopyranose
4 branched 2-acetamido-2-deoxy-beta-D-glucopyranose-(1-4)-[alpha-L-fucopyranose-(1-6)]2-acetamido-2-deoxy-beta-D-glucopyranose
5 non-polymer 'ZINC ION'
6 non-polymer 'NITRATE ION'
7 non-polymer GLYCEROL
8 water water
#
_entity_poly.entity_id   1
_entity_poly.type   'polypeptide(L)'
_entity_poly.pdbx_seq_one_letter_code
;DRHHHHHHKLQLGRFWHISDLHLDPNYTVSKDPLQVCPSAGSQPVLNAGPWGDYLCDSPWALINSSLYAMKEIEPKPDFI
LWTGDDTPHVPNESLGEAAVLAIVERLTNLIKEVFPDTKVYAALGNHDFHPKNQFPAQSNRIYNQVAELWRPWLSNESYA
LFKRGAFYSEKLPGPSRAGRVVVLNTNLYYSNNEQTAGMADPGEQFRWLGDVLSNASRDGEMVYVIGHVPPGFFEKTQNK
AWFRESFNEEYLKVIQKHHRVIAGQFFGHHHTDSFRMFYDNTGAPINVMFLTPGVTPWKTTLPGVVDGANNPGIRIFEYD
RATLNLKDLVTYFLNLRQANVQETPRWEQEYRLTEAYQVPDASVSSMHTALTRIASEPHILQRYYVYNSVSYNHLTCEDS
CRIEHVCAIQHVAFNTYATCLHGLGAK
;
_entity_poly.pdbx_strand_id   A
#
loop_
_chem_comp.id
_chem_comp.type
_chem_comp.name
_chem_comp.formula
BMA D-saccharide, beta linking beta-D-mannopyranose 'C6 H12 O6'
FUC L-saccharide, alpha linking alpha-L-fucopyranose 'C6 H12 O5'
GOL non-polymer GLYCEROL 'C3 H8 O3'
MAN D-saccharide, alpha linking alpha-D-mannopyranose 'C6 H12 O6'
NAG D-saccharide, beta linking 2-acetamido-2-deoxy-beta-D-glucopyranose 'C8 H15 N O6'
NO3 non-polymer 'NITRATE ION' 'N O3 -1'
ZN non-polymer 'ZINC ION' 'Zn 2'
#
# COMPACT_ATOMS: atom_id res chain seq x y z
N LEU A 12 5.50 -17.72 15.76
CA LEU A 12 4.69 -16.90 14.83
C LEU A 12 4.61 -15.43 15.23
N GLY A 13 5.12 -14.56 14.39
CA GLY A 13 5.01 -13.14 14.60
C GLY A 13 3.90 -12.55 13.78
N ARG A 14 3.55 -11.31 14.13
CA ARG A 14 2.53 -10.56 13.42
C ARG A 14 3.01 -9.14 13.15
N PHE A 15 2.57 -8.59 12.04
CA PHE A 15 2.82 -7.18 11.77
C PHE A 15 1.63 -6.58 11.05
N TRP A 16 1.29 -5.35 11.40
CA TRP A 16 0.27 -4.61 10.67
C TRP A 16 0.88 -3.98 9.42
N HIS A 17 0.08 -3.91 8.36
CA HIS A 17 0.38 -3.09 7.20
C HIS A 17 -0.83 -2.19 6.98
N ILE A 18 -0.62 -0.90 7.08
CA ILE A 18 -1.66 0.08 6.80
C ILE A 18 -1.15 1.09 5.77
N SER A 19 -2.08 1.64 5.01
CA SER A 19 -1.72 2.50 3.90
C SER A 19 -2.90 3.37 3.49
N ASP A 20 -2.58 4.50 2.87
CA ASP A 20 -3.56 5.32 2.18
C ASP A 20 -4.69 5.74 3.10
N LEU A 21 -4.32 6.34 4.23
CA LEU A 21 -5.27 6.86 5.19
C LEU A 21 -5.97 8.10 4.66
N HIS A 22 -5.29 8.95 3.89
CA HIS A 22 -5.83 10.13 3.22
C HIS A 22 -6.86 10.88 4.08
N LEU A 23 -6.37 11.56 5.13
CA LEU A 23 -7.24 12.45 5.89
C LEU A 23 -7.81 13.56 5.03
N ASP A 24 -9.12 13.78 5.13
CA ASP A 24 -9.71 15.02 4.64
C ASP A 24 -9.96 15.92 5.84
N PRO A 25 -9.12 16.93 6.08
CA PRO A 25 -9.27 17.76 7.28
C PRO A 25 -10.58 18.46 7.36
N ASN A 26 -11.24 18.70 6.23
CA ASN A 26 -12.42 19.54 6.20
C ASN A 26 -13.70 18.72 6.11
N TYR A 27 -13.64 17.40 6.29
CA TYR A 27 -14.86 16.59 6.30
C TYR A 27 -15.80 17.07 7.38
N THR A 28 -17.03 17.42 6.99
CA THR A 28 -18.03 17.90 7.93
CA THR A 28 -18.03 17.91 7.92
C THR A 28 -19.37 17.35 7.50
N VAL A 29 -20.14 16.83 8.46
CA VAL A 29 -21.51 16.43 8.21
C VAL A 29 -22.26 17.73 8.05
N SER A 30 -22.60 18.07 6.81
CA SER A 30 -23.22 19.34 6.47
C SER A 30 -24.50 19.10 5.71
N LYS A 31 -25.47 19.98 5.91
CA LYS A 31 -26.70 19.95 5.12
C LYS A 31 -26.48 20.39 3.67
N ASP A 32 -25.34 21.00 3.35
CA ASP A 32 -25.01 21.37 1.98
C ASP A 32 -24.19 20.24 1.37
N PRO A 33 -24.72 19.50 0.39
CA PRO A 33 -23.97 18.34 -0.16
C PRO A 33 -22.68 18.68 -0.85
N LEU A 34 -22.44 19.95 -1.17
CA LEU A 34 -21.21 20.37 -1.82
C LEU A 34 -20.19 20.90 -0.83
N GLN A 35 -20.50 20.90 0.46
CA GLN A 35 -19.59 21.37 1.51
C GLN A 35 -19.37 20.31 2.58
N VAL A 36 -19.56 19.04 2.22
CA VAL A 36 -19.22 17.93 3.11
C VAL A 36 -17.72 17.66 3.10
N CYS A 37 -17.12 17.54 1.92
CA CYS A 37 -15.72 17.18 1.88
C CYS A 37 -15.10 17.67 0.59
N PRO A 38 -14.02 18.48 0.63
CA PRO A 38 -13.43 18.96 -0.62
C PRO A 38 -12.89 17.83 -1.48
N SER A 39 -12.56 16.69 -0.88
CA SER A 39 -12.05 15.56 -1.63
C SER A 39 -13.07 14.95 -2.59
N ALA A 40 -14.36 15.27 -2.45
CA ALA A 40 -15.36 14.82 -3.41
C ALA A 40 -15.47 15.74 -4.61
N GLY A 41 -14.71 16.84 -4.65
CA GLY A 41 -14.81 17.73 -5.79
C GLY A 41 -16.19 18.33 -5.89
N SER A 42 -16.78 18.27 -7.07
CA SER A 42 -18.10 18.80 -7.33
CA SER A 42 -18.11 18.79 -7.33
C SER A 42 -19.20 17.74 -7.20
N GLN A 43 -18.88 16.55 -6.75
CA GLN A 43 -19.85 15.48 -6.59
C GLN A 43 -20.72 15.76 -5.36
N PRO A 44 -22.04 15.83 -5.48
CA PRO A 44 -22.86 16.04 -4.29
C PRO A 44 -22.77 14.84 -3.34
N VAL A 45 -22.59 15.14 -2.06
CA VAL A 45 -22.47 14.13 -1.02
C VAL A 45 -23.74 14.22 -0.17
N LEU A 46 -24.66 13.28 -0.40
CA LEU A 46 -25.99 13.33 0.21
C LEU A 46 -25.98 12.56 1.53
N ASN A 47 -26.64 13.12 2.53
CA ASN A 47 -26.76 12.52 3.87
C ASN A 47 -25.46 11.85 4.34
N ALA A 48 -24.41 12.66 4.42
CA ALA A 48 -23.11 12.16 4.86
C ALA A 48 -23.16 11.70 6.31
N GLY A 49 -22.40 10.65 6.60
CA GLY A 49 -22.36 10.09 7.93
C GLY A 49 -21.07 10.40 8.68
N PRO A 50 -21.02 10.06 9.97
CA PRO A 50 -19.88 10.50 10.79
C PRO A 50 -18.60 9.75 10.51
N TRP A 51 -18.67 8.56 9.95
CA TRP A 51 -17.48 7.76 9.77
C TRP A 51 -16.89 7.88 8.37
N GLY A 52 -17.50 8.69 7.51
CA GLY A 52 -17.01 8.90 6.16
C GLY A 52 -18.11 8.70 5.14
N ASP A 53 -17.72 8.83 3.87
CA ASP A 53 -18.62 8.68 2.74
C ASP A 53 -17.79 8.11 1.60
N TYR A 54 -18.39 7.26 0.79
CA TYR A 54 -17.65 6.65 -0.31
C TYR A 54 -17.11 7.66 -1.31
N LEU A 55 -17.67 8.88 -1.39
CA LEU A 55 -17.17 9.92 -2.29
C LEU A 55 -16.02 10.71 -1.69
N CYS A 56 -15.76 10.58 -0.39
CA CYS A 56 -14.81 11.42 0.32
C CYS A 56 -13.59 10.63 0.78
N ASP A 57 -12.52 11.37 1.00
CA ASP A 57 -11.42 10.85 1.80
C ASP A 57 -11.81 10.81 3.29
N SER A 58 -10.94 10.24 4.10
CA SER A 58 -11.28 9.80 5.45
C SER A 58 -11.48 10.98 6.40
N PRO A 59 -12.59 11.04 7.14
CA PRO A 59 -12.61 11.93 8.28
C PRO A 59 -11.66 11.44 9.35
N TRP A 60 -11.24 12.36 10.21
CA TRP A 60 -10.40 11.97 11.34
C TRP A 60 -11.04 10.82 12.11
N ALA A 61 -12.37 10.87 12.31
CA ALA A 61 -13.02 9.83 13.08
C ALA A 61 -12.75 8.45 12.52
N LEU A 62 -12.68 8.32 11.19
CA LEU A 62 -12.42 7.04 10.57
C LEU A 62 -10.98 6.60 10.80
N ILE A 63 -10.03 7.51 10.62
CA ILE A 63 -8.63 7.17 10.85
C ILE A 63 -8.41 6.77 12.29
N ASN A 64 -8.98 7.54 13.22
CA ASN A 64 -8.88 7.21 14.63
C ASN A 64 -9.49 5.84 14.90
N SER A 65 -10.65 5.56 14.32
CA SER A 65 -11.27 4.26 14.50
CA SER A 65 -11.26 4.25 14.51
C SER A 65 -10.37 3.14 14.00
N SER A 66 -9.70 3.35 12.87
CA SER A 66 -8.85 2.30 12.30
C SER A 66 -7.69 1.95 13.23
N LEU A 67 -7.07 2.96 13.86
CA LEU A 67 -5.94 2.71 14.74
C LEU A 67 -6.39 1.98 15.99
N TYR A 68 -7.53 2.38 16.57
CA TYR A 68 -8.02 1.67 17.74
C TYR A 68 -8.53 0.28 17.41
N ALA A 69 -9.03 0.07 16.19
CA ALA A 69 -9.35 -1.28 15.77
C ALA A 69 -8.10 -2.15 15.70
N MET A 70 -7.02 -1.61 15.16
CA MET A 70 -5.78 -2.37 15.16
C MET A 70 -5.35 -2.71 16.58
N LYS A 71 -5.47 -1.77 17.51
CA LYS A 71 -5.06 -2.05 18.88
C LYS A 71 -5.92 -3.14 19.49
N GLU A 72 -7.22 -3.13 19.22
CA GLU A 72 -8.09 -4.16 19.76
C GLU A 72 -7.73 -5.55 19.20
N ILE A 73 -7.40 -5.62 17.90
CA ILE A 73 -7.13 -6.89 17.25
C ILE A 73 -5.77 -7.44 17.64
N GLU A 74 -4.74 -6.58 17.61
CA GLU A 74 -3.38 -7.00 17.93
C GLU A 74 -2.63 -5.80 18.49
N PRO A 75 -2.62 -5.64 19.82
CA PRO A 75 -1.98 -4.47 20.43
C PRO A 75 -0.47 -4.53 20.48
N LYS A 76 0.13 -5.70 20.28
CA LYS A 76 1.57 -5.91 20.45
C LYS A 76 2.13 -6.58 19.20
N PRO A 77 1.97 -5.96 18.04
CA PRO A 77 2.57 -6.53 16.83
C PRO A 77 4.08 -6.45 16.94
N ASP A 78 4.78 -7.28 16.17
CA ASP A 78 6.24 -7.19 16.15
CA ASP A 78 6.24 -7.21 16.14
C ASP A 78 6.68 -5.85 15.61
N PHE A 79 5.93 -5.31 14.65
CA PHE A 79 6.19 -4.00 14.05
C PHE A 79 4.97 -3.63 13.21
N ILE A 80 5.00 -2.41 12.69
CA ILE A 80 3.98 -1.90 11.79
C ILE A 80 4.67 -1.40 10.53
N LEU A 81 4.10 -1.71 9.37
CA LEU A 81 4.46 -1.12 8.09
C LEU A 81 3.41 -0.09 7.73
N TRP A 82 3.86 1.11 7.37
CA TRP A 82 2.96 2.22 7.07
C TRP A 82 3.44 2.84 5.75
N THR A 83 2.70 2.62 4.67
CA THR A 83 3.19 3.00 3.35
C THR A 83 2.56 4.27 2.78
N GLY A 84 2.08 5.19 3.63
CA GLY A 84 1.92 6.57 3.24
C GLY A 84 0.60 6.91 2.57
N ASP A 85 0.57 8.14 2.08
CA ASP A 85 -0.59 8.82 1.45
C ASP A 85 -1.57 9.28 2.52
N ASP A 86 -1.26 10.44 3.10
CA ASP A 86 -1.92 10.91 4.31
C ASP A 86 -2.86 12.07 4.09
N THR A 87 -2.78 12.73 2.94
CA THR A 87 -3.45 13.98 2.67
C THR A 87 -4.56 13.75 1.65
N PRO A 88 -5.48 14.69 1.49
CA PRO A 88 -6.66 14.45 0.66
C PRO A 88 -6.42 14.72 -0.82
N HIS A 89 -7.34 14.19 -1.62
CA HIS A 89 -7.32 14.36 -3.07
C HIS A 89 -8.02 15.68 -3.40
N VAL A 90 -7.25 16.75 -3.34
CA VAL A 90 -7.69 18.11 -3.59
C VAL A 90 -6.63 18.83 -4.42
N PRO A 91 -6.95 19.98 -5.02
CA PRO A 91 -5.93 20.72 -5.77
C PRO A 91 -4.77 21.15 -4.89
N ASN A 92 -3.61 21.30 -5.49
CA ASN A 92 -2.43 21.73 -4.74
C ASN A 92 -2.68 23.04 -4.00
N GLU A 93 -3.44 23.95 -4.63
CA GLU A 93 -3.71 25.26 -4.03
C GLU A 93 -4.49 25.16 -2.73
N SER A 94 -5.13 24.03 -2.48
CA SER A 94 -5.90 23.78 -1.27
C SER A 94 -5.08 23.16 -0.16
N LEU A 95 -3.81 22.82 -0.43
CA LEU A 95 -3.04 21.93 0.42
C LEU A 95 -1.54 22.25 0.26
N GLY A 96 -1.09 23.26 0.99
CA GLY A 96 0.30 23.71 0.94
C GLY A 96 1.21 22.88 1.81
N GLU A 97 2.49 23.25 1.81
CA GLU A 97 3.50 22.47 2.51
C GLU A 97 3.21 22.38 4.02
N ALA A 98 2.80 23.47 4.65
CA ALA A 98 2.59 23.44 6.09
C ALA A 98 1.48 22.46 6.45
N ALA A 99 0.39 22.47 5.67
CA ALA A 99 -0.71 21.52 5.91
C ALA A 99 -0.28 20.09 5.66
N VAL A 100 0.51 19.84 4.60
CA VAL A 100 0.98 18.49 4.37
C VAL A 100 1.76 18.00 5.58
N LEU A 101 2.72 18.82 6.03
CA LEU A 101 3.54 18.38 7.15
C LEU A 101 2.73 18.24 8.43
N ALA A 102 1.76 19.12 8.66
CA ALA A 102 0.92 19.03 9.86
C ALA A 102 0.08 17.77 9.84
N ILE A 103 -0.39 17.36 8.67
CA ILE A 103 -1.18 16.15 8.53
C ILE A 103 -0.32 14.92 8.78
N VAL A 104 0.87 14.87 8.18
CA VAL A 104 1.77 13.75 8.42
C VAL A 104 2.08 13.63 9.90
N GLU A 105 2.33 14.77 10.55
CA GLU A 105 2.61 14.78 11.98
CA GLU A 105 2.61 14.78 11.98
C GLU A 105 1.42 14.28 12.79
N ARG A 106 0.20 14.73 12.45
CA ARG A 106 -0.96 14.28 13.22
C ARG A 106 -1.13 12.78 13.14
N LEU A 107 -0.98 12.19 11.93
CA LEU A 107 -1.12 10.74 11.81
CA LEU A 107 -1.11 10.74 11.81
C LEU A 107 0.02 10.02 12.52
N THR A 108 1.25 10.54 12.39
CA THR A 108 2.39 9.96 13.10
C THR A 108 2.12 9.93 14.61
N ASN A 109 1.64 11.04 15.15
CA ASN A 109 1.36 11.13 16.58
C ASN A 109 0.27 10.16 17.01
N LEU A 110 -0.75 9.95 16.18
CA LEU A 110 -1.77 8.96 16.51
C LEU A 110 -1.17 7.57 16.61
N ILE A 111 -0.34 7.19 15.64
CA ILE A 111 0.28 5.86 15.68
C ILE A 111 1.15 5.72 16.91
N LYS A 112 1.93 6.76 17.25
CA LYS A 112 2.78 6.75 18.43
C LYS A 112 1.96 6.64 19.70
N GLU A 113 0.79 7.28 19.72
CA GLU A 113 -0.07 7.25 20.90
C GLU A 113 -0.68 5.87 21.11
N VAL A 114 -1.14 5.24 20.03
CA VAL A 114 -1.86 3.98 20.15
C VAL A 114 -0.89 2.82 20.28
N PHE A 115 0.28 2.92 19.65
CA PHE A 115 1.32 1.88 19.68
C PHE A 115 2.64 2.49 20.17
N PRO A 116 2.71 2.88 21.44
CA PRO A 116 3.88 3.64 21.92
C PRO A 116 5.17 2.84 21.96
N ASP A 117 5.10 1.52 22.02
CA ASP A 117 6.30 0.71 22.15
C ASP A 117 6.65 -0.05 20.88
N THR A 118 6.03 0.29 19.77
CA THR A 118 6.10 -0.51 18.55
C THR A 118 7.00 0.17 17.52
N LYS A 119 7.91 -0.59 16.94
CA LYS A 119 8.67 -0.08 15.82
C LYS A 119 7.77 0.05 14.60
N VAL A 120 7.90 1.19 13.91
CA VAL A 120 7.15 1.46 12.69
C VAL A 120 8.15 1.70 11.57
N TYR A 121 7.87 1.11 10.42
CA TYR A 121 8.66 1.33 9.21
C TYR A 121 7.73 2.06 8.24
N ALA A 122 8.01 3.33 8.03
CA ALA A 122 7.14 4.22 7.30
C ALA A 122 7.79 4.75 6.02
N ALA A 123 6.99 4.74 4.95
CA ALA A 123 7.33 5.28 3.66
C ALA A 123 6.41 6.43 3.33
N LEU A 124 6.92 7.42 2.60
CA LEU A 124 6.07 8.48 2.08
C LEU A 124 5.30 8.02 0.84
N GLY A 125 4.07 8.50 0.73
CA GLY A 125 3.27 8.31 -0.45
C GLY A 125 3.26 9.54 -1.34
N ASN A 126 2.69 9.37 -2.54
CA ASN A 126 2.82 10.41 -3.56
C ASN A 126 2.08 11.68 -3.19
N HIS A 127 1.05 11.59 -2.35
CA HIS A 127 0.35 12.76 -1.84
C HIS A 127 1.00 13.41 -0.64
N ASP A 128 2.07 12.82 -0.10
CA ASP A 128 2.73 13.34 1.09
C ASP A 128 3.81 14.35 0.71
N PHE A 129 3.44 15.30 -0.14
CA PHE A 129 4.35 16.29 -0.66
C PHE A 129 3.51 17.44 -1.20
N HIS A 130 4.11 18.61 -1.25
CA HIS A 130 3.53 19.74 -1.95
C HIS A 130 4.61 20.29 -2.88
N PRO A 131 4.32 20.38 -4.19
CA PRO A 131 3.11 19.92 -4.88
C PRO A 131 3.04 18.39 -4.93
N LYS A 132 1.83 17.86 -5.03
CA LYS A 132 1.65 16.42 -5.03
C LYS A 132 2.48 15.78 -6.13
N ASN A 133 3.04 14.62 -5.83
CA ASN A 133 3.77 13.77 -6.75
C ASN A 133 5.15 14.29 -7.09
N GLN A 134 5.53 15.50 -6.72
CA GLN A 134 6.77 16.09 -7.22
C GLN A 134 7.93 15.84 -6.24
N PHE A 135 8.21 14.56 -6.03
CA PHE A 135 9.24 14.14 -5.09
C PHE A 135 10.63 14.35 -5.68
N PRO A 136 11.48 15.20 -5.09
CA PRO A 136 12.83 15.42 -5.62
C PRO A 136 13.76 14.27 -5.29
N ALA A 137 14.78 14.13 -6.14
CA ALA A 137 15.86 13.20 -5.88
C ALA A 137 16.96 13.82 -5.05
N GLN A 138 16.61 14.67 -4.10
CA GLN A 138 17.56 15.33 -3.25
C GLN A 138 16.81 15.84 -2.03
N SER A 139 17.57 16.31 -1.06
CA SER A 139 16.99 16.77 0.19
C SER A 139 16.11 17.99 -0.05
N ASN A 140 15.21 18.22 0.89
CA ASN A 140 14.23 19.29 0.82
C ASN A 140 13.55 19.38 2.18
N ARG A 141 12.74 20.42 2.38
CA ARG A 141 12.14 20.65 3.69
C ARG A 141 11.26 19.50 4.13
N ILE A 142 10.52 18.90 3.20
CA ILE A 142 9.64 17.80 3.56
C ILE A 142 10.42 16.58 4.01
N TYR A 143 11.43 16.15 3.25
CA TYR A 143 12.19 15.00 3.72
C TYR A 143 12.83 15.31 5.07
N ASN A 144 13.33 16.54 5.24
CA ASN A 144 14.00 16.89 6.48
C ASN A 144 13.03 16.85 7.66
N GLN A 145 11.84 17.42 7.50
CA GLN A 145 10.92 17.49 8.62
C GLN A 145 10.31 16.12 8.90
N VAL A 146 10.03 15.33 7.87
CA VAL A 146 9.52 13.98 8.12
C VAL A 146 10.58 13.13 8.81
N ALA A 147 11.85 13.30 8.46
CA ALA A 147 12.90 12.60 9.19
C ALA A 147 12.85 12.92 10.67
N GLU A 148 12.53 14.17 11.02
CA GLU A 148 12.41 14.53 12.44
C GLU A 148 11.20 13.84 13.07
N LEU A 149 10.07 13.81 12.36
CA LEU A 149 8.88 13.15 12.89
C LEU A 149 9.11 11.66 13.12
N TRP A 150 9.87 11.01 12.23
CA TRP A 150 10.05 9.57 12.27
C TRP A 150 11.35 9.17 12.95
N ARG A 151 12.09 10.14 13.46
CA ARG A 151 13.36 9.86 14.10
C ARG A 151 13.33 8.76 15.16
N PRO A 152 12.32 8.65 16.03
CA PRO A 152 12.34 7.56 17.01
C PRO A 152 12.35 6.18 16.38
N TRP A 153 11.96 6.07 15.12
CA TRP A 153 11.88 4.82 14.39
C TRP A 153 13.10 4.56 13.52
N LEU A 154 14.04 5.51 13.43
CA LEU A 154 15.14 5.44 12.48
C LEU A 154 16.47 5.37 13.21
N SER A 155 17.36 4.50 12.71
CA SER A 155 18.76 4.52 13.14
C SER A 155 19.42 5.81 12.66
N ASN A 156 20.61 6.09 13.19
CA ASN A 156 21.33 7.27 12.74
C ASN A 156 21.57 7.21 11.24
N GLU A 157 21.95 6.03 10.75
CA GLU A 157 22.17 5.88 9.31
C GLU A 157 20.90 6.16 8.53
N SER A 158 19.78 5.60 8.98
CA SER A 158 18.53 5.78 8.27
C SER A 158 18.02 7.20 8.32
N TYR A 159 18.24 7.90 9.43
CA TYR A 159 17.88 9.29 9.55
C TYR A 159 18.62 10.13 8.51
N ALA A 160 19.93 9.91 8.37
CA ALA A 160 20.70 10.61 7.34
C ALA A 160 20.21 10.25 5.94
N LEU A 161 19.97 8.97 5.66
CA LEU A 161 19.47 8.60 4.34
C LEU A 161 18.11 9.21 4.07
N PHE A 162 17.25 9.25 5.08
CA PHE A 162 15.90 9.74 4.85
C PHE A 162 15.92 11.19 4.44
N LYS A 163 16.78 12.00 5.07
CA LYS A 163 16.87 13.42 4.71
C LYS A 163 17.24 13.61 3.25
N ARG A 164 18.05 12.71 2.69
CA ARG A 164 18.51 12.86 1.32
C ARG A 164 17.51 12.34 0.28
N GLY A 165 16.79 11.27 0.57
CA GLY A 165 16.00 10.62 -0.46
C GLY A 165 14.73 9.93 0.02
N ALA A 166 14.42 9.98 1.32
CA ALA A 166 13.24 9.33 1.88
C ALA A 166 13.24 7.82 1.66
N PHE A 167 14.42 7.21 1.68
CA PHE A 167 14.56 5.76 1.64
C PHE A 167 15.64 5.35 2.63
N TYR A 168 15.54 4.12 3.14
CA TYR A 168 16.42 3.65 4.20
C TYR A 168 16.17 2.17 4.44
N SER A 169 17.02 1.55 5.25
CA SER A 169 16.78 0.16 5.63
CA SER A 169 16.80 0.17 5.62
C SER A 169 17.12 0.01 7.10
N GLU A 170 16.41 -0.92 7.75
CA GLU A 170 16.44 -1.12 9.20
C GLU A 170 16.49 -2.61 9.52
N LYS A 171 17.30 -2.97 10.49
CA LYS A 171 17.30 -4.35 10.97
C LYS A 171 16.09 -4.57 11.86
N LEU A 172 15.33 -5.63 11.62
CA LEU A 172 14.25 -6.00 12.51
C LEU A 172 14.83 -6.37 13.88
N PRO A 173 14.19 -5.94 14.97
CA PRO A 173 14.60 -6.38 16.30
C PRO A 173 14.16 -7.81 16.55
N GLY A 174 14.69 -8.39 17.63
CA GLY A 174 14.22 -9.70 18.06
C GLY A 174 12.73 -9.65 18.38
N PRO A 175 12.07 -10.81 18.38
CA PRO A 175 12.66 -12.13 18.23
C PRO A 175 12.87 -12.57 16.79
N SER A 176 12.66 -11.69 15.82
CA SER A 176 13.02 -12.02 14.44
C SER A 176 14.51 -12.35 14.38
N ARG A 177 14.84 -13.45 13.71
CA ARG A 177 16.19 -13.99 13.81
C ARG A 177 17.19 -13.17 13.00
N ALA A 178 16.86 -12.87 11.75
CA ALA A 178 17.82 -12.24 10.86
C ALA A 178 17.06 -11.54 9.74
N GLY A 179 16.36 -10.47 10.10
CA GLY A 179 15.49 -9.80 9.17
C GLY A 179 15.81 -8.33 9.02
N ARG A 180 15.41 -7.79 7.88
CA ARG A 180 15.66 -6.40 7.57
C ARG A 180 14.48 -5.88 6.78
N VAL A 181 14.10 -4.62 7.01
CA VAL A 181 13.08 -3.94 6.20
C VAL A 181 13.78 -2.89 5.37
N VAL A 182 13.47 -2.89 4.08
CA VAL A 182 13.93 -1.87 3.16
C VAL A 182 12.75 -0.99 2.82
N VAL A 183 12.91 0.30 3.00
CA VAL A 183 11.84 1.27 2.79
C VAL A 183 12.22 2.13 1.59
N LEU A 184 11.43 2.05 0.54
CA LEU A 184 11.69 2.78 -0.70
C LEU A 184 10.85 4.04 -0.82
N ASN A 185 11.37 4.96 -1.61
CA ASN A 185 10.67 6.13 -2.11
C ASN A 185 10.39 5.88 -3.60
N THR A 186 9.31 5.15 -3.88
CA THR A 186 8.97 4.87 -5.27
C THR A 186 8.20 6.00 -5.93
N ASN A 187 7.93 7.08 -5.18
CA ASN A 187 7.37 8.29 -5.79
C ASN A 187 8.35 8.91 -6.77
N LEU A 188 9.63 8.59 -6.63
CA LEU A 188 10.64 9.02 -7.59
C LEU A 188 10.38 8.50 -8.99
N TYR A 189 9.58 7.43 -9.13
CA TYR A 189 9.42 6.76 -10.40
C TYR A 189 8.09 7.05 -11.06
N TYR A 190 7.19 7.76 -10.38
CA TYR A 190 5.88 8.02 -10.93
C TYR A 190 6.01 8.91 -12.18
N SER A 191 5.28 8.56 -13.23
CA SER A 191 5.40 9.27 -14.49
C SER A 191 4.97 10.73 -14.36
N ASN A 192 4.15 11.06 -13.36
CA ASN A 192 3.70 12.43 -13.14
C ASN A 192 4.69 13.26 -12.34
N ASN A 193 5.79 12.66 -11.90
CA ASN A 193 6.82 13.36 -11.13
C ASN A 193 7.82 13.99 -12.10
N GLU A 194 7.71 15.31 -12.29
CA GLU A 194 8.60 16.00 -13.22
C GLU A 194 10.00 16.18 -12.65
N GLN A 195 10.18 16.02 -11.34
CA GLN A 195 11.48 16.25 -10.73
C GLN A 195 12.51 15.21 -11.15
N THR A 196 12.07 14.03 -11.58
CA THR A 196 12.99 12.95 -11.91
C THR A 196 12.96 12.62 -13.39
N ALA A 197 12.26 13.40 -14.20
CA ALA A 197 12.31 13.23 -15.64
C ALA A 197 13.75 13.24 -16.12
N GLY A 198 14.10 12.29 -16.97
CA GLY A 198 15.42 12.24 -17.54
C GLY A 198 16.51 11.65 -16.66
N MET A 199 16.20 11.20 -15.45
CA MET A 199 17.18 10.61 -14.55
C MET A 199 17.07 9.10 -14.62
N ALA A 200 18.19 8.43 -14.88
CA ALA A 200 18.17 6.97 -14.97
C ALA A 200 17.98 6.32 -13.60
N ASP A 201 18.63 6.86 -12.56
CA ASP A 201 18.60 6.29 -11.22
C ASP A 201 18.47 7.43 -10.23
N PRO A 202 17.30 8.06 -10.15
CA PRO A 202 17.15 9.20 -9.25
C PRO A 202 17.50 8.85 -7.82
N GLY A 203 18.31 9.69 -7.20
CA GLY A 203 18.79 9.51 -5.85
C GLY A 203 19.68 8.30 -5.66
N GLU A 204 20.08 7.68 -6.75
CA GLU A 204 20.84 6.43 -6.73
C GLU A 204 20.13 5.32 -5.95
N GLN A 205 18.79 5.38 -5.92
CA GLN A 205 18.07 4.42 -5.12
C GLN A 205 18.22 2.98 -5.63
N PHE A 206 18.23 2.79 -6.94
CA PHE A 206 18.38 1.43 -7.44
C PHE A 206 19.76 0.85 -7.13
N ARG A 207 20.81 1.66 -7.31
CA ARG A 207 22.15 1.25 -6.94
C ARG A 207 22.22 0.90 -5.45
N TRP A 208 21.70 1.79 -4.60
CA TRP A 208 21.64 1.55 -3.16
C TRP A 208 20.88 0.26 -2.85
N LEU A 209 19.72 0.07 -3.48
CA LEU A 209 18.89 -1.09 -3.19
C LEU A 209 19.65 -2.37 -3.50
N GLY A 210 20.29 -2.43 -4.68
CA GLY A 210 21.09 -3.60 -5.00
C GLY A 210 22.17 -3.85 -3.98
N ASP A 211 22.85 -2.80 -3.55
CA ASP A 211 23.88 -2.94 -2.55
C ASP A 211 23.34 -3.45 -1.21
N VAL A 212 22.20 -2.93 -0.77
CA VAL A 212 21.59 -3.42 0.46
C VAL A 212 21.26 -4.89 0.33
N LEU A 213 20.70 -5.28 -0.80
CA LEU A 213 20.29 -6.66 -0.98
C LEU A 213 21.50 -7.59 -1.12
N SER A 214 22.58 -7.12 -1.74
CA SER A 214 23.82 -7.91 -1.76
C SER A 214 24.37 -8.07 -0.36
N ASN A 215 24.31 -7.01 0.45
CA ASN A 215 24.74 -7.12 1.84
C ASN A 215 23.89 -8.11 2.60
N ALA A 216 22.58 -8.10 2.36
CA ALA A 216 21.69 -9.05 3.04
C ALA A 216 22.07 -10.48 2.74
N SER A 217 22.38 -10.78 1.48
CA SER A 217 22.81 -12.13 1.11
C SER A 217 24.10 -12.49 1.84
N ARG A 218 25.08 -11.58 1.83
CA ARG A 218 26.33 -11.80 2.54
C ARG A 218 26.10 -12.07 4.01
N ASP A 219 25.16 -11.35 4.62
CA ASP A 219 24.99 -11.36 6.06
C ASP A 219 23.94 -12.38 6.52
N GLY A 220 23.38 -13.16 5.61
CA GLY A 220 22.44 -14.19 6.00
C GLY A 220 21.10 -13.65 6.43
N GLU A 221 20.71 -12.49 5.94
CA GLU A 221 19.44 -11.86 6.28
C GLU A 221 18.40 -12.08 5.19
N MET A 222 17.13 -12.05 5.59
CA MET A 222 16.02 -11.94 4.65
CA MET A 222 16.02 -11.94 4.65
C MET A 222 15.41 -10.56 4.81
N VAL A 223 14.75 -10.09 3.74
CA VAL A 223 14.34 -8.69 3.65
C VAL A 223 12.87 -8.59 3.28
N TYR A 224 12.19 -7.65 3.90
CA TYR A 224 10.89 -7.17 3.45
C TYR A 224 11.10 -5.81 2.79
N VAL A 225 10.61 -5.65 1.57
CA VAL A 225 10.70 -4.38 0.84
C VAL A 225 9.33 -3.73 0.86
N ILE A 226 9.28 -2.45 1.23
CA ILE A 226 8.04 -1.69 1.29
C ILE A 226 8.18 -0.42 0.48
N GLY A 227 7.05 0.07 0.00
CA GLY A 227 7.00 1.33 -0.68
C GLY A 227 5.56 1.70 -0.93
N HIS A 228 5.38 2.87 -1.55
CA HIS A 228 4.03 3.34 -1.79
C HIS A 228 3.54 2.95 -3.19
N VAL A 229 4.12 3.54 -4.24
CA VAL A 229 3.69 3.30 -5.62
C VAL A 229 4.30 1.97 -6.08
N PRO A 230 3.50 1.04 -6.58
CA PRO A 230 4.06 -0.24 -7.07
C PRO A 230 4.45 -0.16 -8.51
N PRO A 231 5.36 -1.03 -8.96
CA PRO A 231 5.58 -1.25 -10.39
C PRO A 231 4.35 -1.95 -10.97
N GLY A 232 4.34 -2.09 -12.29
CA GLY A 232 3.24 -2.75 -12.93
C GLY A 232 2.01 -1.87 -13.12
N PHE A 233 0.88 -2.55 -13.26
CA PHE A 233 -0.35 -1.93 -13.76
C PHE A 233 -1.45 -1.96 -12.69
N PHE A 234 -2.44 -1.10 -12.88
CA PHE A 234 -3.55 -0.98 -11.96
C PHE A 234 -4.70 -1.88 -12.45
N GLU A 235 -5.11 -2.83 -11.60
CA GLU A 235 -6.04 -3.86 -12.00
C GLU A 235 -7.45 -3.36 -12.24
N LYS A 236 -7.79 -2.15 -11.81
CA LYS A 236 -9.13 -1.61 -11.98
C LYS A 236 -9.36 -0.97 -13.33
N THR A 237 -8.36 -0.99 -14.20
CA THR A 237 -8.48 -0.39 -15.52
C THR A 237 -7.57 -1.18 -16.46
N GLN A 238 -7.36 -0.64 -17.66
CA GLN A 238 -6.46 -1.21 -18.63
C GLN A 238 -5.37 -0.20 -18.95
N ASN A 239 -4.14 -0.71 -19.11
CA ASN A 239 -3.00 0.04 -19.62
C ASN A 239 -2.54 1.19 -18.74
N LYS A 240 -2.81 1.14 -17.41
CA LYS A 240 -2.39 2.21 -16.50
C LYS A 240 -1.25 1.68 -15.63
N ALA A 241 -0.05 2.17 -15.91
CA ALA A 241 1.11 1.95 -15.07
C ALA A 241 1.55 3.26 -14.48
N TRP A 242 2.04 3.22 -13.24
CA TRP A 242 2.49 4.43 -12.56
C TRP A 242 3.94 4.74 -12.89
N PHE A 243 4.79 3.72 -12.89
CA PHE A 243 6.21 3.94 -13.15
C PHE A 243 6.44 4.29 -14.62
N ARG A 244 7.38 5.19 -14.87
CA ARG A 244 7.97 5.28 -16.20
C ARG A 244 8.58 3.93 -16.59
N GLU A 245 8.51 3.62 -17.87
CA GLU A 245 8.91 2.30 -18.36
C GLU A 245 10.33 1.92 -17.92
N SER A 246 11.29 2.84 -18.03
CA SER A 246 12.66 2.45 -17.67
C SER A 246 12.77 2.08 -16.19
N PHE A 247 12.03 2.79 -15.33
CA PHE A 247 12.05 2.46 -13.91
C PHE A 247 11.37 1.12 -13.65
N ASN A 248 10.28 0.84 -14.36
CA ASN A 248 9.63 -0.45 -14.21
C ASN A 248 10.60 -1.57 -14.57
N GLU A 249 11.35 -1.40 -15.66
CA GLU A 249 12.32 -2.40 -16.10
C GLU A 249 13.41 -2.59 -15.06
N GLU A 250 13.91 -1.49 -14.51
CA GLU A 250 14.96 -1.59 -13.50
C GLU A 250 14.46 -2.29 -12.24
N TYR A 251 13.25 -1.96 -11.80
CA TYR A 251 12.71 -2.62 -10.61
C TYR A 251 12.64 -4.12 -10.82
N LEU A 252 12.13 -4.54 -11.97
CA LEU A 252 12.09 -5.96 -12.31
C LEU A 252 13.46 -6.59 -12.31
N LYS A 253 14.46 -5.89 -12.86
CA LYS A 253 15.81 -6.41 -12.87
C LYS A 253 16.32 -6.65 -11.44
N VAL A 254 16.03 -5.73 -10.53
CA VAL A 254 16.45 -5.92 -9.14
C VAL A 254 15.82 -7.16 -8.53
N ILE A 255 14.50 -7.33 -8.70
CA ILE A 255 13.84 -8.51 -8.16
C ILE A 255 14.42 -9.78 -8.78
N GLN A 256 14.63 -9.78 -10.09
CA GLN A 256 15.17 -10.97 -10.73
C GLN A 256 16.55 -11.31 -10.20
N LYS A 257 17.38 -10.31 -9.89
CA LYS A 257 18.72 -10.60 -9.39
C LYS A 257 18.69 -11.00 -7.91
N HIS A 258 17.84 -10.39 -7.11
CA HIS A 258 17.96 -10.47 -5.66
C HIS A 258 16.83 -11.22 -4.98
N HIS A 259 15.94 -11.89 -5.73
CA HIS A 259 14.75 -12.46 -5.12
C HIS A 259 15.04 -13.40 -3.96
N ARG A 260 16.17 -14.10 -3.97
CA ARG A 260 16.40 -15.11 -2.94
C ARG A 260 16.51 -14.52 -1.53
N VAL A 261 16.79 -13.23 -1.40
CA VAL A 261 16.81 -12.59 -0.09
C VAL A 261 15.54 -11.83 0.21
N ILE A 262 14.61 -11.72 -0.73
CA ILE A 262 13.41 -10.90 -0.53
C ILE A 262 12.27 -11.83 -0.14
N ALA A 263 11.84 -11.72 1.10
CA ALA A 263 10.77 -12.57 1.65
C ALA A 263 9.40 -11.96 1.48
N GLY A 264 9.30 -10.73 1.02
CA GLY A 264 7.99 -10.12 0.79
C GLY A 264 8.15 -8.71 0.32
N GLN A 265 7.18 -8.24 -0.46
CA GLN A 265 7.09 -6.84 -0.86
C GLN A 265 5.69 -6.35 -0.51
N PHE A 266 5.61 -5.12 0.00
CA PHE A 266 4.38 -4.59 0.61
C PHE A 266 4.18 -3.15 0.13
N PHE A 267 3.15 -2.93 -0.68
CA PHE A 267 2.91 -1.64 -1.34
C PHE A 267 1.45 -1.24 -1.16
N GLY A 268 1.15 -0.01 -1.53
CA GLY A 268 -0.19 0.54 -1.42
C GLY A 268 -0.60 1.24 -2.72
N HIS A 269 -1.07 2.49 -2.61
CA HIS A 269 -1.40 3.40 -3.70
C HIS A 269 -2.69 3.08 -4.43
N HIS A 270 -3.01 1.82 -4.64
CA HIS A 270 -4.20 1.47 -5.38
C HIS A 270 -5.47 1.65 -4.56
N HIS A 271 -5.40 1.42 -3.27
CA HIS A 271 -6.50 1.42 -2.29
C HIS A 271 -7.28 0.13 -2.33
N THR A 272 -7.04 -0.73 -3.32
CA THR A 272 -7.72 -1.99 -3.57
C THR A 272 -6.78 -3.15 -3.24
N ASP A 273 -7.35 -4.30 -3.04
CA ASP A 273 -6.63 -5.47 -2.52
C ASP A 273 -6.26 -6.37 -3.68
N SER A 274 -4.96 -6.46 -3.99
CA SER A 274 -4.53 -7.35 -5.06
C SER A 274 -3.10 -7.79 -4.74
N PHE A 275 -2.48 -8.51 -5.66
CA PHE A 275 -1.11 -8.96 -5.48
C PHE A 275 -0.44 -9.05 -6.84
N ARG A 276 0.88 -9.10 -6.84
CA ARG A 276 1.64 -9.15 -8.09
C ARG A 276 2.65 -10.29 -8.00
N MET A 277 2.64 -11.14 -8.99
CA MET A 277 3.61 -12.22 -9.13
C MET A 277 4.83 -11.72 -9.89
N PHE A 278 5.98 -12.29 -9.55
CA PHE A 278 7.23 -12.07 -10.27
C PHE A 278 7.78 -13.41 -10.68
N TYR A 279 8.25 -13.50 -11.91
CA TYR A 279 8.77 -14.74 -12.50
C TYR A 279 10.17 -14.50 -13.07
N ASP A 280 10.99 -15.55 -13.14
CA ASP A 280 12.27 -15.44 -13.81
C ASP A 280 12.14 -15.93 -15.24
N ASN A 281 13.26 -15.88 -15.95
CA ASN A 281 13.30 -16.25 -17.36
C ASN A 281 13.20 -17.75 -17.58
N THR A 282 13.07 -18.55 -16.53
CA THR A 282 12.74 -19.97 -16.68
C THR A 282 11.27 -20.22 -16.40
N GLY A 283 10.51 -19.17 -16.07
CA GLY A 283 9.12 -19.29 -15.73
C GLY A 283 8.88 -19.57 -14.28
N ALA A 284 9.92 -19.65 -13.46
CA ALA A 284 9.74 -19.96 -12.06
C ALA A 284 9.16 -18.75 -11.35
N PRO A 285 8.14 -18.93 -10.51
CA PRO A 285 7.72 -17.85 -9.63
C PRO A 285 8.82 -17.57 -8.62
N ILE A 286 9.18 -16.30 -8.50
CA ILE A 286 10.32 -15.91 -7.66
C ILE A 286 9.98 -14.91 -6.56
N ASN A 287 8.83 -14.26 -6.59
CA ASN A 287 8.51 -13.31 -5.55
C ASN A 287 7.05 -12.91 -5.68
N VAL A 288 6.51 -12.34 -4.61
CA VAL A 288 5.15 -11.81 -4.61
C VAL A 288 5.13 -10.48 -3.89
N MET A 289 4.37 -9.55 -4.44
CA MET A 289 4.08 -8.27 -3.83
C MET A 289 2.62 -8.24 -3.41
N PHE A 290 2.36 -7.79 -2.20
CA PHE A 290 1.03 -7.68 -1.63
C PHE A 290 0.62 -6.23 -1.62
N LEU A 291 -0.46 -5.91 -2.36
CA LEU A 291 -1.01 -4.56 -2.44
C LEU A 291 -2.18 -4.46 -1.46
N THR A 292 -1.96 -3.73 -0.40
CA THR A 292 -2.92 -3.68 0.67
C THR A 292 -3.95 -2.59 0.40
N PRO A 293 -5.19 -2.79 0.79
CA PRO A 293 -6.20 -1.75 0.55
C PRO A 293 -6.01 -0.55 1.45
N GLY A 294 -6.73 0.53 1.13
CA GLY A 294 -6.63 1.75 1.89
C GLY A 294 -7.66 1.86 2.99
N VAL A 295 -7.33 2.71 3.97
CA VAL A 295 -8.34 3.13 4.95
C VAL A 295 -9.33 4.07 4.29
N THR A 296 -8.86 4.98 3.43
CA THR A 296 -9.80 5.87 2.76
C THR A 296 -10.74 5.07 1.86
N PRO A 297 -12.02 5.43 1.81
CA PRO A 297 -12.97 4.75 0.91
C PRO A 297 -13.13 5.42 -0.45
N TRP A 298 -12.52 6.58 -0.60
CA TRP A 298 -12.72 7.56 -1.68
C TRP A 298 -12.89 6.93 -3.06
N LYS A 299 -13.99 7.28 -3.70
CA LYS A 299 -14.27 6.81 -5.05
C LYS A 299 -13.33 7.47 -6.03
N THR A 300 -12.48 6.69 -6.67
CA THR A 300 -11.43 7.27 -7.48
C THR A 300 -12.00 8.06 -8.66
N THR A 301 -11.29 9.13 -9.00
CA THR A 301 -11.59 9.93 -10.16
C THR A 301 -10.77 9.52 -11.39
N LEU A 302 -10.00 8.44 -11.29
CA LEU A 302 -9.21 8.01 -12.43
C LEU A 302 -10.13 7.75 -13.60
N PRO A 303 -9.88 8.36 -14.77
CA PRO A 303 -10.83 8.23 -15.87
C PRO A 303 -11.02 6.77 -16.26
N GLY A 304 -12.27 6.40 -16.51
CA GLY A 304 -12.59 5.07 -16.95
C GLY A 304 -12.93 4.08 -15.85
N VAL A 305 -12.65 4.40 -14.59
CA VAL A 305 -12.98 3.49 -13.50
C VAL A 305 -14.39 3.84 -13.02
N VAL A 306 -15.30 2.86 -13.09
CA VAL A 306 -16.68 3.04 -12.69
C VAL A 306 -16.84 2.60 -11.25
N ASP A 307 -17.45 3.45 -10.45
CA ASP A 307 -17.80 3.12 -9.07
C ASP A 307 -16.61 2.58 -8.28
N GLY A 308 -15.47 3.26 -8.39
CA GLY A 308 -14.22 2.81 -7.82
C GLY A 308 -13.98 3.20 -6.37
N ALA A 309 -14.96 2.97 -5.51
CA ALA A 309 -14.83 3.16 -4.08
C ALA A 309 -14.48 1.83 -3.43
N ASN A 310 -14.10 1.89 -2.17
CA ASN A 310 -13.80 0.70 -1.38
C ASN A 310 -14.27 0.91 0.05
N ASN A 311 -14.49 -0.16 0.77
CA ASN A 311 -14.59 -0.02 2.21
C ASN A 311 -13.22 0.21 2.84
N PRO A 312 -13.16 0.90 3.97
CA PRO A 312 -11.90 1.02 4.72
C PRO A 312 -11.36 -0.34 5.11
N GLY A 313 -10.05 -0.55 4.90
CA GLY A 313 -9.40 -1.80 5.21
C GLY A 313 -8.09 -1.62 5.95
N ILE A 314 -7.77 -2.62 6.79
CA ILE A 314 -6.49 -2.75 7.50
C ILE A 314 -6.06 -4.21 7.40
N ARG A 315 -4.78 -4.49 7.66
CA ARG A 315 -4.27 -5.82 7.36
C ARG A 315 -3.20 -6.24 8.33
N ILE A 316 -3.28 -7.49 8.78
CA ILE A 316 -2.22 -8.08 9.56
C ILE A 316 -1.61 -9.27 8.81
N PHE A 317 -0.29 -9.39 8.87
CA PHE A 317 0.43 -10.55 8.37
C PHE A 317 0.92 -11.40 9.52
N GLU A 318 0.90 -12.71 9.33
CA GLU A 318 1.50 -13.66 10.24
C GLU A 318 2.75 -14.20 9.53
N TYR A 319 3.88 -14.27 10.25
CA TYR A 319 5.14 -14.63 9.62
C TYR A 319 5.99 -15.45 10.59
N ASP A 320 6.88 -16.26 9.99
CA ASP A 320 7.86 -17.03 10.76
C ASP A 320 9.02 -16.11 11.13
N ARG A 321 9.22 -15.93 12.42
CA ARG A 321 10.25 -15.02 12.90
C ARG A 321 11.65 -15.48 12.52
N ALA A 322 11.84 -16.79 12.33
CA ALA A 322 13.18 -17.32 12.03
C ALA A 322 13.59 -17.15 10.56
N THR A 323 12.64 -17.03 9.64
CA THR A 323 12.94 -17.03 8.22
C THR A 323 12.31 -15.88 7.45
N LEU A 324 11.36 -15.16 8.05
CA LEU A 324 10.50 -14.18 7.40
C LEU A 324 9.49 -14.80 6.44
N ASN A 325 9.38 -16.12 6.36
CA ASN A 325 8.36 -16.71 5.49
C ASN A 325 6.99 -16.23 5.92
N LEU A 326 6.18 -15.81 4.96
CA LEU A 326 4.84 -15.32 5.25
C LEU A 326 3.89 -16.50 5.36
N LYS A 327 3.21 -16.57 6.49
CA LYS A 327 2.33 -17.67 6.80
C LYS A 327 0.87 -17.37 6.49
N ASP A 328 0.45 -16.12 6.60
CA ASP A 328 -0.95 -15.80 6.32
C ASP A 328 -1.09 -14.29 6.34
N LEU A 329 -2.23 -13.84 5.86
CA LEU A 329 -2.64 -12.48 6.13
C LEU A 329 -4.14 -12.49 6.41
N VAL A 330 -4.55 -11.54 7.23
CA VAL A 330 -5.97 -11.34 7.55
C VAL A 330 -6.26 -9.87 7.25
N THR A 331 -7.26 -9.63 6.43
CA THR A 331 -7.68 -8.28 6.14
C THR A 331 -8.98 -8.04 6.91
N TYR A 332 -9.05 -6.89 7.56
CA TYR A 332 -10.21 -6.46 8.33
C TYR A 332 -10.79 -5.23 7.65
N PHE A 333 -12.09 -4.97 7.90
CA PHE A 333 -12.71 -3.86 7.21
C PHE A 333 -13.81 -3.26 8.05
N LEU A 334 -14.17 -2.05 7.66
CA LEU A 334 -15.33 -1.36 8.20
C LEU A 334 -16.35 -1.29 7.07
N ASN A 335 -17.53 -1.87 7.26
CA ASN A 335 -18.58 -1.77 6.25
C ASN A 335 -19.20 -0.39 6.43
N LEU A 336 -18.78 0.56 5.59
CA LEU A 336 -19.05 1.96 5.84
C LEU A 336 -20.53 2.25 5.81
N ARG A 337 -21.24 1.64 4.87
CA ARG A 337 -22.69 1.83 4.77
C ARG A 337 -23.38 1.43 6.06
N GLN A 338 -22.97 0.32 6.68
CA GLN A 338 -23.56 -0.11 7.93
C GLN A 338 -23.09 0.75 9.10
N ALA A 339 -21.79 1.06 9.15
CA ALA A 339 -21.24 1.81 10.26
C ALA A 339 -21.94 3.15 10.41
N ASN A 340 -22.29 3.77 9.28
CA ASN A 340 -22.87 5.10 9.33
C ASN A 340 -24.29 5.13 9.87
N VAL A 341 -24.94 3.98 10.09
CA VAL A 341 -26.20 3.99 10.83
C VAL A 341 -26.04 3.54 12.27
N GLN A 342 -24.81 3.43 12.78
CA GLN A 342 -24.55 2.91 14.11
C GLN A 342 -23.79 3.90 14.97
N GLU A 343 -23.87 3.70 16.29
CA GLU A 343 -23.29 4.62 17.25
C GLU A 343 -21.78 4.56 17.28
N THR A 344 -21.20 3.39 17.09
CA THR A 344 -19.77 3.23 17.06
C THR A 344 -19.40 2.38 15.85
N PRO A 345 -18.34 2.72 15.12
CA PRO A 345 -17.93 1.83 14.03
C PRO A 345 -17.26 0.58 14.61
N ARG A 346 -17.68 -0.60 14.13
CA ARG A 346 -17.04 -1.85 14.54
C ARG A 346 -16.47 -2.58 13.35
N TRP A 347 -15.15 -2.77 13.38
CA TRP A 347 -14.44 -3.43 12.30
C TRP A 347 -14.61 -4.94 12.45
N GLU A 348 -14.53 -5.65 11.33
CA GLU A 348 -14.71 -7.08 11.32
C GLU A 348 -13.70 -7.71 10.38
N GLN A 349 -13.47 -9.01 10.56
CA GLN A 349 -12.62 -9.75 9.65
C GLN A 349 -13.29 -9.83 8.29
N GLU A 350 -12.54 -9.47 7.25
CA GLU A 350 -13.01 -9.67 5.88
C GLU A 350 -12.65 -11.08 5.42
N TYR A 351 -11.37 -11.44 5.45
CA TYR A 351 -10.97 -12.78 5.09
C TYR A 351 -9.57 -13.07 5.60
N ARG A 352 -9.30 -14.37 5.71
CA ARG A 352 -7.98 -14.92 5.96
C ARG A 352 -7.51 -15.57 4.65
N LEU A 353 -6.30 -15.22 4.22
CA LEU A 353 -5.84 -15.61 2.89
CA LEU A 353 -5.82 -15.61 2.89
C LEU A 353 -5.83 -17.12 2.70
N THR A 354 -5.30 -17.87 3.67
CA THR A 354 -5.21 -19.32 3.48
C THR A 354 -6.59 -19.94 3.27
N GLU A 355 -7.61 -19.40 3.95
CA GLU A 355 -8.98 -19.89 3.82
C GLU A 355 -9.58 -19.49 2.48
N ALA A 356 -9.38 -18.23 2.07
CA ALA A 356 -9.96 -17.72 0.84
C ALA A 356 -9.47 -18.48 -0.39
N TYR A 357 -8.19 -18.83 -0.42
CA TYR A 357 -7.61 -19.48 -1.60
C TYR A 357 -7.28 -20.95 -1.38
N GLN A 358 -7.52 -21.47 -0.19
CA GLN A 358 -7.26 -22.87 0.12
C GLN A 358 -5.80 -23.24 -0.20
N VAL A 359 -4.91 -22.46 0.41
CA VAL A 359 -3.47 -22.63 0.26
C VAL A 359 -2.86 -22.72 1.65
N PRO A 360 -1.66 -23.31 1.77
CA PRO A 360 -1.12 -23.57 3.11
C PRO A 360 -0.47 -22.38 3.78
N ASP A 361 -0.13 -21.35 3.03
CA ASP A 361 0.63 -20.22 3.56
C ASP A 361 0.54 -19.11 2.53
N ALA A 362 1.35 -18.05 2.71
CA ALA A 362 1.38 -16.93 1.79
C ALA A 362 2.70 -16.88 1.01
N SER A 363 3.32 -18.04 0.82
CA SER A 363 4.55 -18.18 0.04
C SER A 363 4.29 -17.86 -1.42
N VAL A 364 5.39 -17.72 -2.16
CA VAL A 364 5.27 -17.48 -3.59
C VAL A 364 4.49 -18.61 -4.25
N SER A 365 4.77 -19.88 -3.90
CA SER A 365 4.05 -20.99 -4.51
CA SER A 365 4.05 -21.00 -4.49
CA SER A 365 4.05 -21.00 -4.50
C SER A 365 2.56 -20.91 -4.19
N SER A 366 2.21 -20.54 -2.96
CA SER A 366 0.80 -20.43 -2.61
C SER A 366 0.11 -19.30 -3.38
N MET A 367 0.78 -18.17 -3.54
CA MET A 367 0.19 -17.08 -4.29
C MET A 367 0.08 -17.42 -5.77
N HIS A 368 1.03 -18.19 -6.30
CA HIS A 368 0.89 -18.66 -7.67
C HIS A 368 -0.34 -19.54 -7.81
N THR A 369 -0.55 -20.44 -6.84
CA THR A 369 -1.77 -21.25 -6.84
C THR A 369 -3.01 -20.36 -6.76
N ALA A 370 -2.99 -19.34 -5.90
CA ALA A 370 -4.14 -18.44 -5.82
C ALA A 370 -4.44 -17.81 -7.17
N LEU A 371 -3.40 -17.33 -7.87
CA LEU A 371 -3.63 -16.74 -9.17
C LEU A 371 -4.22 -17.76 -10.13
N THR A 372 -3.66 -18.97 -10.16
CA THR A 372 -4.17 -19.96 -11.09
CA THR A 372 -4.17 -19.95 -11.10
C THR A 372 -5.64 -20.26 -10.83
N ARG A 373 -6.05 -20.23 -9.56
CA ARG A 373 -7.46 -20.47 -9.21
C ARG A 373 -8.33 -19.27 -9.59
N ILE A 374 -7.85 -18.06 -9.32
CA ILE A 374 -8.55 -16.86 -9.77
C ILE A 374 -8.79 -16.91 -11.28
N ALA A 375 -7.79 -17.38 -12.04
CA ALA A 375 -7.86 -17.36 -13.50
C ALA A 375 -8.66 -18.51 -14.08
N SER A 376 -9.02 -19.50 -13.29
CA SER A 376 -9.69 -20.69 -13.81
C SER A 376 -11.00 -21.05 -13.13
N GLU A 377 -11.30 -20.55 -11.94
CA GLU A 377 -12.49 -20.97 -11.21
C GLU A 377 -13.39 -19.76 -10.97
N PRO A 378 -14.58 -19.73 -11.57
CA PRO A 378 -15.44 -18.56 -11.41
C PRO A 378 -15.65 -18.14 -9.98
N HIS A 379 -15.84 -19.08 -9.04
CA HIS A 379 -16.16 -18.67 -7.70
C HIS A 379 -14.96 -18.04 -6.99
N ILE A 380 -13.74 -18.44 -7.37
CA ILE A 380 -12.55 -17.85 -6.77
C ILE A 380 -12.26 -16.50 -7.39
N LEU A 381 -12.46 -16.37 -8.70
CA LEU A 381 -12.41 -15.05 -9.32
C LEU A 381 -13.34 -14.09 -8.57
N GLN A 382 -14.59 -14.49 -8.34
CA GLN A 382 -15.55 -13.57 -7.76
C GLN A 382 -15.19 -13.23 -6.32
N ARG A 383 -14.69 -14.21 -5.58
CA ARG A 383 -14.24 -13.98 -4.22
C ARG A 383 -13.11 -12.94 -4.20
N TYR A 384 -12.08 -13.15 -5.01
CA TYR A 384 -11.00 -12.18 -5.17
C TYR A 384 -11.57 -10.81 -5.54
N TYR A 385 -12.54 -10.77 -6.46
CA TYR A 385 -13.06 -9.51 -6.96
C TYR A 385 -13.80 -8.76 -5.87
N VAL A 386 -14.63 -9.46 -5.10
CA VAL A 386 -15.32 -8.81 -3.99
C VAL A 386 -14.31 -8.23 -3.01
N TYR A 387 -13.30 -9.03 -2.65
CA TYR A 387 -12.28 -8.53 -1.73
C TYR A 387 -11.45 -7.40 -2.33
N ASN A 388 -11.40 -7.30 -3.65
CA ASN A 388 -10.58 -6.26 -4.27
C ASN A 388 -11.03 -4.86 -3.86
N SER A 389 -12.34 -4.64 -3.73
CA SER A 389 -12.91 -3.38 -3.30
C SER A 389 -13.19 -3.37 -1.79
N VAL A 390 -12.60 -4.30 -1.05
CA VAL A 390 -12.85 -4.45 0.38
C VAL A 390 -14.35 -4.67 0.61
N SER A 391 -14.93 -5.51 -0.25
CA SER A 391 -16.31 -5.96 -0.11
C SER A 391 -17.32 -4.84 -0.25
N TYR A 392 -16.99 -3.83 -1.06
CA TYR A 392 -17.90 -2.74 -1.40
C TYR A 392 -18.81 -3.10 -2.57
N ASN A 393 -18.25 -3.71 -3.60
CA ASN A 393 -18.95 -4.02 -4.83
C ASN A 393 -19.08 -5.52 -5.00
N HIS A 394 -20.32 -6.00 -5.07
CA HIS A 394 -20.65 -7.41 -5.18
C HIS A 394 -21.13 -7.82 -6.57
N LEU A 395 -21.12 -6.91 -7.54
CA LEU A 395 -21.49 -7.29 -8.89
C LEU A 395 -20.47 -8.28 -9.44
N THR A 396 -20.93 -9.04 -10.45
CA THR A 396 -20.12 -10.11 -11.01
C THR A 396 -19.00 -9.56 -11.87
N CYS A 397 -17.80 -10.07 -11.64
CA CYS A 397 -16.65 -9.74 -12.47
C CYS A 397 -16.73 -10.55 -13.76
N GLU A 398 -17.08 -9.88 -14.86
CA GLU A 398 -17.30 -10.51 -16.16
C GLU A 398 -15.98 -10.61 -16.93
N ASP A 399 -16.07 -10.91 -18.24
CA ASP A 399 -14.88 -11.30 -18.98
C ASP A 399 -13.82 -10.21 -19.03
N SER A 400 -14.21 -8.96 -19.28
CA SER A 400 -13.20 -7.89 -19.40
C SER A 400 -12.59 -7.57 -18.04
N CYS A 401 -13.41 -7.59 -17.00
CA CYS A 401 -12.91 -7.47 -15.63
C CYS A 401 -11.89 -8.57 -15.33
N ARG A 402 -12.22 -9.81 -15.67
CA ARG A 402 -11.33 -10.92 -15.39
C ARG A 402 -9.96 -10.70 -16.03
N ILE A 403 -9.95 -10.34 -17.31
CA ILE A 403 -8.67 -10.19 -18.01
CA ILE A 403 -8.68 -10.19 -18.02
C ILE A 403 -7.87 -9.04 -17.42
N GLU A 404 -8.54 -7.95 -17.03
CA GLU A 404 -7.82 -6.80 -16.46
C GLU A 404 -7.16 -7.20 -15.16
N HIS A 405 -7.85 -7.99 -14.34
CA HIS A 405 -7.24 -8.39 -13.06
C HIS A 405 -6.17 -9.44 -13.25
N VAL A 406 -6.48 -10.51 -14.00
CA VAL A 406 -5.51 -11.58 -14.17
C VAL A 406 -4.22 -11.06 -14.80
N CYS A 407 -4.34 -10.25 -15.84
CA CYS A 407 -3.14 -9.73 -16.49
C CYS A 407 -2.32 -8.82 -15.57
N ALA A 408 -2.99 -7.97 -14.77
CA ALA A 408 -2.24 -7.13 -13.84
C ALA A 408 -1.55 -7.95 -12.77
N ILE A 409 -2.19 -9.00 -12.24
CA ILE A 409 -1.57 -9.82 -11.21
C ILE A 409 -0.35 -10.54 -11.78
N GLN A 410 -0.46 -11.04 -13.01
CA GLN A 410 0.54 -11.94 -13.55
CA GLN A 410 0.55 -11.93 -13.56
C GLN A 410 1.72 -11.20 -14.19
N HIS A 411 1.51 -10.00 -14.71
CA HIS A 411 2.48 -9.34 -15.58
C HIS A 411 2.81 -7.92 -15.13
N VAL A 412 3.93 -7.79 -14.43
CA VAL A 412 4.43 -6.47 -14.07
C VAL A 412 5.11 -5.80 -15.26
N ALA A 413 5.70 -6.59 -16.15
CA ALA A 413 6.42 -6.04 -17.31
C ALA A 413 5.44 -5.46 -18.33
N PHE A 414 5.83 -4.33 -18.94
CA PHE A 414 4.93 -3.63 -19.84
C PHE A 414 4.54 -4.49 -21.06
N ASN A 415 5.51 -5.14 -21.69
CA ASN A 415 5.19 -5.80 -22.96
C ASN A 415 4.39 -7.08 -22.75
N THR A 416 4.66 -7.84 -21.69
CA THR A 416 3.87 -9.04 -21.48
C THR A 416 2.49 -8.72 -20.94
N TYR A 417 2.35 -7.65 -20.14
CA TYR A 417 1.02 -7.20 -19.78
C TYR A 417 0.21 -6.85 -21.02
N ALA A 418 0.82 -6.10 -21.96
CA ALA A 418 0.11 -5.71 -23.17
C ALA A 418 -0.38 -6.93 -23.96
N THR A 419 0.50 -7.93 -24.12
CA THR A 419 0.12 -9.13 -24.85
C THR A 419 -0.99 -9.89 -24.15
N CYS A 420 -0.91 -9.97 -22.82
CA CYS A 420 -1.94 -10.67 -22.06
C CYS A 420 -3.31 -10.03 -22.29
N LEU A 421 -3.35 -8.70 -22.38
CA LEU A 421 -4.62 -8.01 -22.57
C LEU A 421 -5.29 -8.33 -23.90
N HIS A 422 -4.53 -8.79 -24.90
CA HIS A 422 -5.13 -9.27 -26.15
C HIS A 422 -6.03 -10.49 -25.95
N GLY A 423 -5.89 -11.21 -24.83
CA GLY A 423 -6.69 -12.40 -24.61
C GLY A 423 -8.19 -12.17 -24.65
C1 NAG B . -10.74 7.60 18.91
C2 NAG B . -11.63 8.61 19.61
C3 NAG B . -11.83 8.24 21.07
C4 NAG B . -12.23 6.78 21.22
C5 NAG B . -11.32 5.86 20.42
C6 NAG B . -11.77 4.42 20.42
C7 NAG B . -11.52 10.85 18.61
C8 NAG B . -10.82 12.18 18.60
N2 NAG B . -11.08 9.96 19.49
O3 NAG B . -12.82 9.07 21.66
O4 NAG B . -12.08 6.43 22.59
O5 NAG B . -11.28 6.29 19.05
O6 NAG B . -13.11 4.29 19.96
O7 NAG B . -12.43 10.60 17.82
H1 NAG B . -9.84 7.62 19.31
H2 NAG B . -12.52 8.60 19.17
H3 NAG B . -10.98 8.38 21.54
H4 NAG B . -13.17 6.66 20.95
H5 NAG B . -10.42 5.91 20.79
H61 NAG B . -11.72 4.06 21.33
H62 NAG B . -11.19 3.90 19.84
H81 NAG B . -9.87 12.03 18.40
H82 NAG B . -10.90 12.59 19.47
H83 NAG B . -11.21 12.75 17.92
HN2 NAG B . -10.39 10.19 20.04
HO3 NAG B . -12.99 8.78 22.50
HO6 NAG B . -13.18 4.63 19.15
C1 NAG B . -13.29 5.97 23.16
C2 NAG B . -12.92 5.19 24.41
C3 NAG B . -14.18 4.77 25.17
C4 NAG B . -15.11 5.95 25.40
C5 NAG B . -15.34 6.73 24.10
C6 NAG B . -16.08 8.03 24.31
C7 NAG B . -10.79 3.96 24.23
C8 NAG B . -10.14 2.66 23.85
N2 NAG B . -12.12 4.01 24.08
O3 NAG B . -13.79 4.23 26.43
O4 NAG B . -16.36 5.47 25.88
O5 NAG B . -14.08 7.07 23.50
O6 NAG B . -15.23 9.03 24.87
O7 NAG B . -10.14 4.91 24.67
H1 NAG B . -13.78 5.40 22.53
H2 NAG B . -12.40 5.76 24.99
H3 NAG B . -14.65 4.08 24.66
H4 NAG B . -14.71 6.54 26.06
H5 NAG B . -15.84 6.17 23.48
H61 NAG B . -16.83 7.87 24.92
H62 NAG B . -16.42 8.34 23.46
H81 NAG B . -10.32 2.48 22.91
H82 NAG B . -10.51 1.94 24.39
H83 NAG B . -9.18 2.72 24.00
HN2 NAG B . -12.55 3.28 23.76
HO3 NAG B . -14.50 4.16 26.95
HO4 NAG B . -16.92 6.16 25.95
HO6 NAG B . -15.39 9.81 24.49
C1 NAG C . 26.97 -2.82 2.94
C2 NAG C . 26.47 -1.41 3.15
C3 NAG C . 27.62 -0.47 3.51
C4 NAG C . 28.44 -1.01 4.66
C5 NAG C . 28.89 -2.42 4.32
C6 NAG C . 29.66 -3.09 5.44
C7 NAG C . 24.57 -0.39 1.99
C8 NAG C . 24.08 0.17 0.70
N2 NAG C . 25.80 -0.90 1.98
O3 NAG C . 27.08 0.81 3.84
O4 NAG C . 29.62 -0.23 4.80
O5 NAG C . 27.75 -3.23 4.05
O6 NAG C . 30.30 -4.24 4.92
O7 NAG C . 23.88 -0.41 3.00
H1 NAG C . 27.51 -2.85 2.13
H2 NAG C . 25.84 -1.40 3.90
H3 NAG C . 28.20 -0.38 2.73
H4 NAG C . 27.92 -1.01 5.49
H5 NAG C . 29.45 -2.38 3.52
H61 NAG C . 29.05 -3.33 6.15
H62 NAG C . 30.33 -2.47 5.78
H81 NAG C . 24.67 0.88 0.40
H82 NAG C . 23.17 0.52 0.83
H83 NAG C . 24.06 -0.55 0.03
HN2 NAG C . 26.28 -0.84 1.20
HO3 NAG C . 27.16 1.35 3.14
HO6 NAG C . 29.92 -4.97 5.27
C1 NAG C . 29.64 0.52 6.01
C2 NAG C . 31.09 0.93 6.25
C3 NAG C . 31.19 1.86 7.46
C4 NAG C . 30.18 2.99 7.38
C5 NAG C . 28.78 2.46 7.08
C6 NAG C . 27.74 3.54 6.87
C7 NAG C . 32.76 -0.72 5.49
C8 NAG C . 33.56 -1.92 5.89
N2 NAG C . 31.95 -0.23 6.43
O3 NAG C . 32.51 2.39 7.53
O4 NAG C . 30.13 3.65 8.64
O5 NAG C . 28.83 1.66 5.88
O6 NAG C . 28.09 4.44 5.83
O7 NAG C . 32.85 -0.22 4.38
H1 NAG C . 29.32 -0.03 6.75
H2 NAG C . 31.41 1.43 5.47
H3 NAG C . 31.01 1.34 8.27
H4 NAG C . 30.45 3.63 6.68
H5 NAG C . 28.51 1.89 7.82
H61 NAG C . 27.63 4.02 7.70
H62 NAG C . 26.89 3.11 6.63
H81 NAG C . 32.96 -2.65 6.13
H82 NAG C . 34.13 -1.70 6.65
H83 NAG C . 34.12 -2.20 5.14
HN2 NAG C . 31.93 -0.64 7.25
HO3 NAG C . 32.49 3.27 7.39
HO6 NAG C . 27.37 4.72 5.41
C1 BMA C . 30.35 5.06 8.49
C2 BMA C . 29.63 5.74 9.67
C3 BMA C . 29.93 7.25 9.60
C4 BMA C . 31.44 7.54 9.51
C5 BMA C . 32.07 6.72 8.34
C6 BMA C . 33.58 6.80 8.30
O2 BMA C . 30.12 5.23 10.91
O3 BMA C . 29.29 7.98 10.69
O4 BMA C . 31.66 8.92 9.28
O5 BMA C . 31.72 5.34 8.50
O6 BMA C . 34.04 6.33 9.58
H1 BMA C . 29.91 5.40 7.53
H2 BMA C . 28.55 5.56 9.56
H3 BMA C . 29.47 7.65 8.68
H4 BMA C . 31.91 7.20 10.45
H5 BMA C . 31.68 7.11 7.38
H61 BMA C . 33.89 7.84 8.11
H62 BMA C . 33.93 6.17 7.47
HO2 BMA C . 30.20 4.27 10.79
HO4 BMA C . 32.50 9.12 9.72
C1 MAN C . 27.85 7.98 10.38
C2 MAN C . 27.46 9.42 10.16
C3 MAN C . 27.88 10.22 11.37
C4 MAN C . 27.27 9.66 12.66
C5 MAN C . 27.20 8.10 12.75
C6 MAN C . 26.00 7.72 13.57
O2 MAN C . 26.00 9.56 10.06
O3 MAN C . 27.50 11.58 11.21
O4 MAN C . 28.00 10.11 13.80
O5 MAN C . 27.06 7.43 11.42
O6 MAN C . 26.01 6.35 13.85
H1 MAN C . 27.63 7.36 9.49
H2 MAN C . 27.96 9.80 9.25
H3 MAN C . 28.98 10.19 11.46
H4 MAN C . 26.23 10.03 12.71
H5 MAN C . 28.09 7.73 13.25
H61 MAN C . 25.10 8.01 13.01
H62 MAN C . 26.03 8.32 14.48
HO2 MAN C . 25.80 10.48 9.84
HO3 MAN C . 27.76 11.81 10.31
HO4 MAN C . 27.81 9.46 14.50
HO6 MAN C . 26.92 6.04 13.76
C1 MAN C . 35.47 6.46 9.76
C2 MAN C . 35.72 6.43 11.27
C3 MAN C . 35.12 7.70 11.90
C4 MAN C . 35.73 8.94 11.27
C5 MAN C . 35.51 8.92 9.75
C6 MAN C . 36.28 10.03 9.03
O2 MAN C . 37.12 6.44 11.56
O3 MAN C . 35.26 7.74 13.34
O4 MAN C . 35.10 10.10 11.77
O5 MAN C . 35.98 7.67 9.17
O6 MAN C . 37.34 9.41 8.30
H1 MAN C . 36.00 5.65 9.25
H2 MAN C . 35.23 5.53 11.69
H3 MAN C . 34.05 7.71 11.70
H4 MAN C . 36.83 8.96 11.46
H5 MAN C . 34.44 9.06 9.54
H61 MAN C . 36.66 10.74 9.78
H62 MAN C . 35.57 10.56 8.37
HO2 MAN C . 37.32 5.70 12.14
HO3 MAN C . 34.46 8.20 13.67
HO4 MAN C . 34.22 10.09 11.40
HO6 MAN C . 37.84 8.86 8.92
C1 NAG D . -9.78 23.37 4.41
C2 NAG D . -8.95 23.32 3.12
C3 NAG D . -7.89 24.43 3.04
C4 NAG D . -8.41 25.78 3.53
C5 NAG D . -9.11 25.59 4.84
C6 NAG D . -9.64 26.88 5.40
C7 NAG D . -8.44 21.15 2.04
C8 NAG D . -7.65 19.90 2.16
N2 NAG D . -8.29 22.03 3.03
O3 NAG D . -7.44 24.54 1.70
O4 NAG D . -7.30 26.63 3.74
O5 NAG D . -10.21 24.69 4.65
O6 NAG D . -10.12 26.68 6.73
O7 NAG D . -9.20 21.36 1.09
H1 NAG D . -9.23 23.08 5.17
H2 NAG D . -9.55 23.42 2.35
H3 NAG D . -7.13 24.18 3.61
H4 NAG D . -9.02 26.16 2.87
H5 NAG D . -8.49 25.19 5.48
H61 NAG D . -10.37 27.20 4.85
H62 NAG D . -8.92 27.55 5.41
H81 NAG D . -7.82 19.33 1.39
H82 NAG D . -7.89 19.43 2.98
H83 NAG D . -6.69 20.13 2.19
HN2 NAG D . -7.70 21.80 3.70
HO3 NAG D . -6.61 24.87 1.69
C1 NAG D . -7.34 27.82 2.95
C2 NAG D . -6.13 28.66 3.35
C3 NAG D . -6.09 29.95 2.55
C4 NAG D . -6.17 29.66 1.05
C5 NAG D . -7.36 28.75 0.75
C6 NAG D . -7.42 28.31 -0.69
C7 NAG D . -5.17 28.51 5.60
C8 NAG D . -5.32 28.89 7.04
N2 NAG D . -6.13 28.93 4.77
O3 NAG D . -4.89 30.65 2.84
O4 NAG D . -6.33 30.87 0.33
O5 NAG D . -7.29 27.55 1.54
O6 NAG D . -8.72 27.84 -1.03
O7 NAG D . -4.22 27.85 5.20
H1 NAG D . -8.16 28.33 3.15
H2 NAG D . -5.33 28.15 3.13
H3 NAG D . -6.85 30.50 2.80
H4 NAG D . -5.36 29.21 0.77
H5 NAG D . -8.19 29.22 0.96
H61 NAG D . -6.77 27.60 -0.84
H62 NAG D . -7.20 29.07 -1.27
H81 NAG D . -6.15 28.53 7.39
H82 NAG D . -5.32 29.87 7.12
H83 NAG D . -4.56 28.53 7.56
HN2 NAG D . -6.81 29.43 5.12
HO3 NAG D . -5.06 31.29 3.45
HO4 NAG D . -5.52 31.21 0.14
HO6 NAG D . -8.67 27.34 -1.78
C1 FUC D . -9.67 27.71 7.63
C2 FUC D . -10.63 27.60 8.80
C3 FUC D . -10.41 26.25 9.53
C4 FUC D . -8.95 26.14 9.98
C5 FUC D . -8.01 26.33 8.79
C6 FUC D . -6.53 26.41 9.17
O2 FUC D . -11.98 27.76 8.38
O3 FUC D . -11.21 26.19 10.69
O4 FUC D . -8.71 27.15 10.93
O5 FUC D . -8.33 27.55 8.07
H1 FUC D . -9.73 28.70 7.16
H2 FUC D . -10.41 28.41 9.50
H3 FUC D . -10.65 25.42 8.85
H4 FUC D . -8.76 25.14 10.42
H5 FUC D . -8.18 25.47 8.12
H61 FUC D . -6.36 27.25 9.86
H62 FUC D . -5.92 26.55 8.28
H63 FUC D . -6.21 25.49 9.68
HO2 FUC D . -12.46 28.09 9.15
HO3 FUC D . -11.68 25.34 10.65
HO4 FUC D . -7.84 26.95 11.30
ZN ZN E . -0.80 7.04 -3.79
ZN ZN F . -3.65 6.78 -1.97
N NO3 G . -13.19 -17.09 2.43
O1 NO3 G . -12.42 -16.10 2.52
O2 NO3 G . -13.77 -17.30 1.34
O3 NO3 G . -13.43 -17.85 3.41
N NO3 H . 20.24 -4.93 -9.72
O1 NO3 H . 20.40 -4.90 -8.47
O2 NO3 H . 20.34 -3.86 -10.42
O3 NO3 H . 19.99 -6.01 -10.30
C1 GOL I . -6.78 5.43 -6.02
O1 GOL I . -5.55 5.30 -5.38
C2 GOL I . -6.67 4.60 -7.28
O2 GOL I . -7.94 4.47 -7.87
C3 GOL I . -5.73 5.29 -8.24
O3 GOL I . -6.37 6.43 -8.75
H11 GOL I . -7.59 5.07 -5.39
H12 GOL I . -6.97 6.47 -6.26
HO1 GOL I . -5.54 5.87 -4.58
H2 GOL I . -6.27 3.62 -7.02
HO2 GOL I . -8.29 5.36 -8.09
H31 GOL I . -4.81 5.58 -7.72
H32 GOL I . -5.47 4.61 -9.06
HO3 GOL I . -6.58 7.03 -8.01
#